data_3P2V
#
_entry.id   3P2V
#
_cell.length_a   40.32
_cell.length_b   46.87
_cell.length_c   47.18
_cell.angle_alpha   76.29
_cell.angle_beta   67.60
_cell.angle_gamma   76.63
#
_symmetry.space_group_name_H-M   'P 1'
#
loop_
_entity.id
_entity.type
_entity.pdbx_description
1 polymer 'Aldose reductase'
2 non-polymer 'NADP NICOTINAMIDE-ADENINE-DINUCLEOTIDE PHOSPHATE'
3 non-polymer '[(2S)-4-oxo-2-phenyl-3,4-dihydro-1,5-benzothiazepin-5(2H)-yl]acetic acid'
4 water water
#
_entity_poly.entity_id   1
_entity_poly.type   'polypeptide(L)'
_entity_poly.pdbx_seq_one_letter_code
;MASRILLNNGAKMPILGLGTWKSPPGQVTEAVKVAIDVGYRHIDCAHVYQNENEVGVAIQEKLREQVVKREELFIVSKLW
CTYHEKGLVKGACQKTLSDLKLDYLDLYLIHWPTGFKPGKEFFPLDESGNVVPSDTNILDTWAAMEELVDEGLVKAIGIS
NFNHLQVEMILNKPGLKYKPAVNQIECHPYLTQEKLIQYCQSKGIVVTAYSPLGSPDRPWAKPEDPSLLEDPRIKAIAAK
HNKTTAQVLIRFPMQRNLVVIPKSVTPERIAENFKVFDFELSSQDMTTLLSYNRNWRVCALLSCTSHKDYPFHEEF
;
_entity_poly.pdbx_strand_id   A
#
loop_
_chem_comp.id
_chem_comp.type
_chem_comp.name
_chem_comp.formula
DOY non-polymer '[(2S)-4-oxo-2-phenyl-3,4-dihydro-1,5-benzothiazepin-5(2H)-yl]acetic acid' 'C17 H15 N O3 S'
NAP non-polymer 'NADP NICOTINAMIDE-ADENINE-DINUCLEOTIDE PHOSPHATE' 'C21 H28 N7 O17 P3'
#
# COMPACT_ATOMS: atom_id res chain seq x y z
N MET A 1 0.29 19.87 -9.38
CA MET A 1 0.58 18.45 -9.22
C MET A 1 -0.50 17.60 -9.89
N ALA A 2 -0.14 16.95 -10.98
CA ALA A 2 -1.09 16.02 -11.61
C ALA A 2 -1.57 15.02 -10.58
N SER A 3 -2.85 14.64 -10.65
CA SER A 3 -3.38 13.75 -9.64
C SER A 3 -3.12 12.27 -9.94
N ARG A 4 -2.64 11.88 -11.11
CA ARG A 4 -2.45 10.46 -11.42
C ARG A 4 -1.09 10.19 -12.04
N ILE A 5 -0.61 8.97 -11.89
CA ILE A 5 0.67 8.55 -12.47
C ILE A 5 0.44 7.37 -13.41
N LEU A 6 1.18 7.36 -14.50
CA LEU A 6 1.10 6.39 -15.56
C LEU A 6 1.81 5.07 -15.19
N LEU A 7 1.06 3.99 -15.30
CA LEU A 7 1.47 2.63 -14.99
C LEU A 7 1.90 1.94 -16.29
N ASN A 8 2.61 0.83 -16.17
CA ASN A 8 3.09 0.14 -17.37
C ASN A 8 2.03 -0.67 -18.09
N ASN A 9 0.77 -0.54 -17.73
CA ASN A 9 -0.33 -1.24 -18.37
C ASN A 9 -1.20 -0.22 -19.08
N GLY A 10 -0.70 1.00 -19.12
CA GLY A 10 -1.41 2.08 -19.77
C GLY A 10 -2.43 2.77 -18.90
N ALA A 11 -2.67 2.24 -17.71
CA ALA A 11 -3.70 2.86 -16.87
C ALA A 11 -3.09 3.94 -15.98
N LYS A 12 -3.94 4.83 -15.46
CA LYS A 12 -3.44 5.90 -14.62
C LYS A 12 -3.88 5.71 -13.18
N MET A 13 -2.95 5.89 -12.26
CA MET A 13 -3.17 5.63 -10.84
C MET A 13 -3.16 6.92 -10.05
N PRO A 14 -4.21 7.15 -9.27
CA PRO A 14 -4.19 8.34 -8.44
C PRO A 14 -3.10 8.24 -7.38
N ILE A 15 -2.37 9.36 -7.26
CA ILE A 15 -1.22 9.36 -6.38
C ILE A 15 -1.56 9.50 -4.90
N LEU A 16 -2.81 9.83 -4.60
CA LEU A 16 -3.25 9.89 -3.21
C LEU A 16 -4.38 8.91 -2.96
N GLY A 17 -4.16 7.90 -2.13
CA GLY A 17 -5.19 6.92 -1.85
C GLY A 17 -5.54 6.85 -0.38
N LEU A 18 -6.62 6.16 -0.06
CA LEU A 18 -7.02 5.95 1.33
C LEU A 18 -6.56 4.58 1.82
N GLY A 19 -5.78 4.59 2.90
CA GLY A 19 -5.44 3.32 3.53
C GLY A 19 -6.60 2.79 4.38
N THR A 20 -6.63 1.48 4.59
CA THR A 20 -7.68 0.85 5.36
C THR A 20 -7.17 -0.18 6.37
N TRP A 21 -5.86 -0.31 6.58
CA TRP A 21 -5.36 -1.20 7.61
C TRP A 21 -5.73 -0.65 9.00
N LYS A 22 -6.38 -1.49 9.79
CA LYS A 22 -6.78 -1.18 11.16
C LYS A 22 -8.06 -0.35 11.15
N SER A 23 -8.65 -0.14 9.97
CA SER A 23 -9.94 0.59 9.99
C SER A 23 -11.05 -0.37 10.39
N PRO A 24 -11.65 -0.20 11.58
CA PRO A 24 -12.63 -1.19 12.03
C PRO A 24 -13.82 -1.30 11.09
N PRO A 25 -14.32 -2.53 10.94
CA PRO A 25 -15.50 -2.72 10.10
C PRO A 25 -16.63 -1.78 10.53
N GLY A 26 -16.71 -1.52 11.84
CA GLY A 26 -17.71 -0.61 12.35
C GLY A 26 -17.59 0.81 11.84
N GLN A 27 -16.44 1.20 11.27
CA GLN A 27 -16.19 2.59 10.92
C GLN A 27 -15.67 2.82 9.51
N VAL A 28 -15.22 1.77 8.81
CA VAL A 28 -14.59 2.00 7.51
C VAL A 28 -15.61 2.33 6.43
N THR A 29 -16.85 1.92 6.67
CA THR A 29 -17.84 2.18 5.62
C THR A 29 -18.00 3.70 5.48
N GLU A 30 -18.20 4.33 6.64
N GLU A 30 -18.16 4.35 6.62
CA GLU A 30 -18.27 5.78 6.69
CA GLU A 30 -18.29 5.81 6.68
C GLU A 30 -17.02 6.40 6.07
C GLU A 30 -17.01 6.53 6.28
N ALA A 31 -15.85 5.91 6.49
CA ALA A 31 -14.57 6.46 6.07
C ALA A 31 -14.44 6.52 4.56
N VAL A 32 -14.80 5.40 3.95
CA VAL A 32 -14.72 5.34 2.49
C VAL A 32 -15.73 6.29 1.85
N LYS A 33 -16.93 6.34 2.42
CA LYS A 33 -17.97 7.18 1.81
C LYS A 33 -17.50 8.64 1.81
N VAL A 34 -16.98 9.05 2.96
CA VAL A 34 -16.50 10.44 3.06
C VAL A 34 -15.32 10.66 2.14
N ALA A 35 -14.41 9.68 2.10
CA ALA A 35 -13.26 9.80 1.22
C ALA A 35 -13.66 10.04 -0.22
N ILE A 36 -14.62 9.22 -0.70
CA ILE A 36 -15.09 9.37 -2.06
C ILE A 36 -15.73 10.75 -2.30
N ASP A 37 -16.55 11.17 -1.37
CA ASP A 37 -17.14 12.51 -1.43
C ASP A 37 -16.11 13.61 -1.55
N VAL A 38 -14.99 13.57 -0.83
CA VAL A 38 -14.05 14.68 -0.89
C VAL A 38 -12.97 14.52 -1.94
N GLY A 39 -13.00 13.48 -2.78
CA GLY A 39 -12.13 13.44 -3.93
C GLY A 39 -11.29 12.20 -4.06
N TYR A 40 -11.24 11.38 -3.01
CA TYR A 40 -10.38 10.20 -3.13
C TYR A 40 -11.02 9.26 -4.16
N ARG A 41 -10.13 8.73 -5.01
CA ARG A 41 -10.59 7.69 -5.92
C ARG A 41 -9.84 6.37 -5.83
N HIS A 42 -8.73 6.36 -5.15
CA HIS A 42 -7.90 5.21 -4.90
C HIS A 42 -8.15 4.78 -3.45
N ILE A 43 -8.48 3.50 -3.30
CA ILE A 43 -8.63 2.88 -1.99
C ILE A 43 -7.63 1.70 -1.93
N ASP A 44 -6.83 1.67 -0.88
CA ASP A 44 -5.91 0.55 -0.66
C ASP A 44 -6.54 -0.44 0.32
N CYS A 45 -6.76 -1.67 -0.17
CA CYS A 45 -7.42 -2.71 0.60
C CYS A 45 -6.51 -3.93 0.76
N ALA A 46 -6.98 -4.86 1.56
CA ALA A 46 -6.35 -6.17 1.68
C ALA A 46 -7.28 -7.20 2.35
N HIS A 47 -7.21 -8.44 1.88
CA HIS A 47 -8.05 -9.49 2.48
C HIS A 47 -7.75 -9.59 3.95
N VAL A 48 -6.47 -9.46 4.29
CA VAL A 48 -6.02 -9.61 5.67
C VAL A 48 -6.51 -8.51 6.59
N TYR A 49 -6.96 -7.36 6.07
CA TYR A 49 -7.48 -6.31 6.91
C TYR A 49 -8.88 -6.65 7.43
N GLN A 50 -9.46 -7.69 6.88
CA GLN A 50 -10.76 -8.27 7.26
C GLN A 50 -11.89 -7.25 7.39
N ASN A 51 -11.89 -6.32 6.44
CA ASN A 51 -12.88 -5.26 6.32
C ASN A 51 -13.26 -4.96 4.87
N GLU A 52 -12.87 -5.81 3.92
CA GLU A 52 -13.24 -5.54 2.54
C GLU A 52 -14.74 -5.59 2.28
N ASN A 53 -15.51 -6.38 3.02
CA ASN A 53 -16.97 -6.30 2.85
C ASN A 53 -17.48 -4.89 3.08
N GLU A 54 -16.98 -4.28 4.15
CA GLU A 54 -17.47 -2.97 4.57
C GLU A 54 -16.96 -1.89 3.61
N VAL A 55 -15.74 -2.01 3.12
CA VAL A 55 -15.29 -1.11 2.05
C VAL A 55 -16.17 -1.25 0.83
N GLY A 56 -16.48 -2.50 0.47
CA GLY A 56 -17.32 -2.75 -0.70
C GLY A 56 -18.69 -2.12 -0.57
N VAL A 57 -19.26 -2.18 0.63
CA VAL A 57 -20.57 -1.58 0.83
C VAL A 57 -20.56 -0.07 0.58
N ALA A 58 -19.50 0.59 1.02
CA ALA A 58 -19.37 2.03 0.79
C ALA A 58 -19.30 2.37 -0.70
N ILE A 59 -18.49 1.62 -1.44
CA ILE A 59 -18.32 1.83 -2.88
C ILE A 59 -19.63 1.63 -3.62
N GLN A 60 -20.30 0.54 -3.31
CA GLN A 60 -21.59 0.20 -3.93
C GLN A 60 -22.62 1.30 -3.70
N GLU A 61 -22.65 1.82 -2.49
CA GLU A 61 -23.54 2.90 -2.05
C GLU A 61 -23.28 4.16 -2.89
N LYS A 62 -22.01 4.52 -3.05
CA LYS A 62 -21.69 5.73 -3.80
C LYS A 62 -21.85 5.55 -5.30
N LEU A 63 -21.73 4.33 -5.82
CA LEU A 63 -22.06 4.10 -7.24
C LEU A 63 -23.56 4.28 -7.47
N ARG A 64 -24.37 3.72 -6.59
CA ARG A 64 -25.81 3.85 -6.73
C ARG A 64 -26.30 5.28 -6.47
N GLU A 65 -25.62 6.03 -5.60
CA GLU A 65 -25.96 7.45 -5.42
C GLU A 65 -25.55 8.26 -6.65
N GLN A 66 -24.80 7.68 -7.56
N GLN A 66 -24.81 7.70 -7.58
CA GLN A 66 -24.25 8.28 -8.76
CA GLN A 66 -24.33 8.41 -8.76
C GLN A 66 -23.25 9.39 -8.44
C GLN A 66 -23.28 9.47 -8.41
N VAL A 67 -22.47 9.20 -7.38
CA VAL A 67 -21.41 10.12 -6.98
C VAL A 67 -20.14 9.89 -7.80
N VAL A 68 -19.90 8.63 -8.11
CA VAL A 68 -18.74 8.18 -8.86
C VAL A 68 -19.14 6.98 -9.73
N LYS A 69 -18.36 6.75 -10.76
CA LYS A 69 -18.39 5.68 -11.74
C LYS A 69 -17.29 4.67 -11.43
N ARG A 70 -17.54 3.38 -11.62
CA ARG A 70 -16.53 2.37 -11.36
C ARG A 70 -15.21 2.69 -12.05
N GLU A 71 -15.25 3.20 -13.27
CA GLU A 71 -14.10 3.53 -14.09
C GLU A 71 -13.23 4.63 -13.49
N GLU A 72 -13.86 5.51 -12.72
CA GLU A 72 -13.16 6.58 -12.03
C GLU A 72 -12.43 6.08 -10.78
N LEU A 73 -12.79 4.91 -10.28
CA LEU A 73 -12.20 4.39 -9.06
C LEU A 73 -10.96 3.56 -9.35
N PHE A 74 -9.99 3.59 -8.45
CA PHE A 74 -8.79 2.72 -8.55
C PHE A 74 -8.67 1.90 -7.28
N ILE A 75 -9.15 0.65 -7.37
CA ILE A 75 -9.21 -0.16 -6.15
C ILE A 75 -8.10 -1.20 -6.14
N VAL A 76 -7.37 -1.18 -5.03
CA VAL A 76 -6.17 -1.99 -4.85
C VAL A 76 -6.40 -3.00 -3.73
N SER A 77 -6.05 -4.27 -3.95
CA SER A 77 -6.07 -5.24 -2.88
C SER A 77 -4.83 -6.12 -2.99
N LYS A 78 -4.66 -7.02 -2.04
CA LYS A 78 -3.41 -7.75 -1.91
C LYS A 78 -3.65 -9.22 -1.56
N LEU A 79 -2.86 -10.09 -2.14
CA LEU A 79 -2.83 -11.53 -1.89
C LEU A 79 -2.16 -11.79 -0.54
N TRP A 80 -2.84 -12.31 0.48
CA TRP A 80 -2.17 -12.52 1.77
C TRP A 80 -1.22 -13.72 1.70
N CYS A 81 -0.27 -13.85 2.60
CA CYS A 81 0.82 -14.81 2.65
C CYS A 81 0.40 -16.27 2.75
N THR A 82 -0.80 -16.60 3.21
CA THR A 82 -1.25 -17.97 3.32
C THR A 82 -1.87 -18.49 2.02
N TYR A 83 -1.90 -17.68 0.97
CA TYR A 83 -2.44 -18.03 -0.34
C TYR A 83 -1.45 -17.96 -1.49
N HIS A 84 -0.16 -18.17 -1.21
CA HIS A 84 0.84 -18.09 -2.25
C HIS A 84 0.86 -19.29 -3.18
N GLU A 85 0.27 -20.40 -2.80
CA GLU A 85 0.30 -21.59 -3.66
C GLU A 85 -0.46 -21.30 -4.96
N LYS A 86 0.11 -21.69 -6.09
CA LYS A 86 -0.51 -21.41 -7.39
C LYS A 86 -2.00 -21.71 -7.40
N GLY A 87 -2.35 -22.84 -6.81
CA GLY A 87 -3.70 -23.30 -6.73
C GLY A 87 -4.63 -22.49 -5.85
N LEU A 88 -4.12 -21.56 -5.05
CA LEU A 88 -4.96 -20.81 -4.13
C LEU A 88 -5.13 -19.36 -4.57
N VAL A 89 -4.31 -18.92 -5.53
CA VAL A 89 -4.34 -17.50 -5.83
C VAL A 89 -5.65 -17.03 -6.44
N LYS A 90 -6.20 -17.75 -7.42
CA LYS A 90 -7.46 -17.30 -8.00
C LYS A 90 -8.59 -17.20 -7.00
N GLY A 91 -8.71 -18.20 -6.14
CA GLY A 91 -9.73 -18.22 -5.09
C GLY A 91 -9.52 -17.07 -4.13
N ALA A 92 -8.25 -16.78 -3.82
CA ALA A 92 -7.99 -15.65 -2.93
C ALA A 92 -8.45 -14.35 -3.58
N CYS A 93 -8.15 -14.15 -4.86
CA CYS A 93 -8.55 -12.95 -5.57
C CYS A 93 -10.07 -12.89 -5.69
N GLN A 94 -10.72 -14.00 -6.04
CA GLN A 94 -12.18 -13.95 -6.20
C GLN A 94 -12.86 -13.65 -4.88
N LYS A 95 -12.28 -14.04 -3.75
CA LYS A 95 -12.91 -13.77 -2.45
C LYS A 95 -12.91 -12.28 -2.17
N THR A 96 -11.75 -11.67 -2.47
CA THR A 96 -11.63 -10.23 -2.35
C THR A 96 -12.63 -9.52 -3.24
N LEU A 97 -12.76 -9.97 -4.48
CA LEU A 97 -13.67 -9.37 -5.45
C LEU A 97 -15.11 -9.47 -4.95
N SER A 98 -15.45 -10.65 -4.43
CA SER A 98 -16.79 -10.88 -3.91
C SER A 98 -17.07 -9.99 -2.70
N ASP A 99 -16.13 -9.88 -1.77
CA ASP A 99 -16.30 -9.04 -0.60
C ASP A 99 -16.43 -7.57 -1.00
N LEU A 100 -15.58 -7.09 -1.90
CA LEU A 100 -15.64 -5.71 -2.38
C LEU A 100 -16.81 -5.43 -3.34
N LYS A 101 -17.52 -6.46 -3.78
CA LYS A 101 -18.66 -6.40 -4.71
C LYS A 101 -18.28 -5.77 -6.05
N LEU A 102 -17.09 -6.12 -6.48
CA LEU A 102 -16.49 -5.74 -7.74
C LEU A 102 -16.30 -6.88 -8.71
N ASP A 103 -16.17 -6.55 -10.00
N ASP A 103 -16.18 -6.51 -9.97
CA ASP A 103 -15.88 -7.61 -10.98
CA ASP A 103 -15.96 -7.42 -11.09
C ASP A 103 -14.46 -7.47 -11.52
C ASP A 103 -14.49 -7.47 -11.48
N TYR A 104 -13.73 -6.45 -11.10
CA TYR A 104 -12.29 -6.41 -11.31
C TYR A 104 -11.61 -5.56 -10.25
N LEU A 105 -10.31 -5.75 -10.05
CA LEU A 105 -9.47 -4.84 -9.29
C LEU A 105 -8.57 -4.04 -10.23
N ASP A 106 -8.30 -2.79 -9.89
CA ASP A 106 -7.38 -2.04 -10.75
C ASP A 106 -5.96 -2.53 -10.59
N LEU A 107 -5.66 -3.01 -9.37
CA LEU A 107 -4.31 -3.45 -9.04
C LEU A 107 -4.35 -4.50 -7.92
N TYR A 108 -3.59 -5.56 -8.11
CA TYR A 108 -3.55 -6.65 -7.13
C TYR A 108 -2.08 -6.96 -6.86
N LEU A 109 -1.75 -6.94 -5.57
CA LEU A 109 -0.37 -7.05 -5.15
C LEU A 109 -0.08 -8.33 -4.40
N ILE A 110 1.11 -8.88 -4.60
CA ILE A 110 1.52 -9.89 -3.62
C ILE A 110 1.86 -9.17 -2.33
N HIS A 111 1.13 -9.41 -1.25
CA HIS A 111 1.25 -8.51 -0.09
C HIS A 111 2.63 -8.45 0.56
N TRP A 112 3.26 -9.62 0.65
CA TRP A 112 4.59 -9.85 1.17
C TRP A 112 5.25 -10.94 0.33
N PRO A 113 6.57 -10.91 0.21
CA PRO A 113 7.23 -11.97 -0.58
C PRO A 113 7.20 -13.33 0.10
N THR A 114 6.94 -13.33 1.40
CA THR A 114 6.92 -14.54 2.20
C THR A 114 5.59 -15.28 2.15
N GLY A 115 5.65 -16.54 1.74
CA GLY A 115 4.54 -17.46 1.83
C GLY A 115 4.45 -18.13 3.20
N PHE A 116 3.26 -18.21 3.80
CA PHE A 116 2.99 -18.84 5.06
C PHE A 116 2.12 -20.11 4.82
N LYS A 117 2.31 -21.09 5.69
CA LYS A 117 1.54 -22.33 5.66
C LYS A 117 0.07 -22.08 5.42
N PRO A 118 -0.51 -22.70 4.39
CA PRO A 118 -1.92 -22.43 4.10
C PRO A 118 -2.81 -23.02 5.19
N GLY A 119 -3.95 -22.37 5.40
CA GLY A 119 -4.86 -22.66 6.46
C GLY A 119 -5.70 -21.44 6.81
N LYS A 120 -6.60 -21.63 7.77
CA LYS A 120 -7.52 -20.60 8.19
C LYS A 120 -6.81 -19.43 8.85
N GLU A 121 -5.78 -19.74 9.65
CA GLU A 121 -5.03 -18.77 10.42
C GLU A 121 -4.17 -17.90 9.52
N PHE A 122 -4.15 -16.60 9.74
CA PHE A 122 -3.46 -15.67 8.84
C PHE A 122 -1.96 -15.61 9.11
N PHE A 123 -1.61 -15.89 10.34
CA PHE A 123 -0.21 -15.80 10.72
C PHE A 123 0.15 -16.99 11.62
N PRO A 124 0.30 -18.17 11.02
CA PRO A 124 0.62 -19.34 11.86
C PRO A 124 2.04 -19.25 12.41
N LEU A 125 2.22 -19.41 13.72
CA LEU A 125 3.53 -19.30 14.36
C LEU A 125 3.91 -20.61 15.03
N ASP A 126 5.20 -20.91 15.14
CA ASP A 126 5.58 -22.15 15.81
C ASP A 126 6.11 -21.89 17.23
N GLU A 127 6.53 -22.93 17.94
CA GLU A 127 6.92 -22.80 19.35
C GLU A 127 8.15 -21.93 19.58
N SER A 128 8.85 -21.51 18.53
CA SER A 128 10.02 -20.66 18.64
C SER A 128 9.65 -19.19 18.40
N GLY A 129 8.38 -18.95 18.10
CA GLY A 129 7.89 -17.62 17.80
C GLY A 129 8.16 -17.20 16.37
N ASN A 130 8.45 -18.18 15.52
CA ASN A 130 8.69 -17.93 14.12
C ASN A 130 7.52 -18.41 13.27
N VAL A 131 7.39 -17.77 12.11
CA VAL A 131 6.26 -18.10 11.24
C VAL A 131 6.40 -19.49 10.68
N VAL A 132 5.32 -20.21 10.47
CA VAL A 132 5.38 -21.47 9.73
C VAL A 132 5.23 -21.14 8.25
N PRO A 133 6.33 -21.28 7.52
CA PRO A 133 6.33 -20.89 6.11
C PRO A 133 5.61 -21.91 5.23
N SER A 134 5.40 -21.55 3.97
CA SER A 134 4.93 -22.51 2.97
C SER A 134 6.05 -22.77 1.96
N ASP A 135 5.93 -23.90 1.29
CA ASP A 135 6.73 -24.31 0.16
C ASP A 135 6.27 -23.59 -1.11
N THR A 136 6.43 -22.27 -1.13
CA THR A 136 6.17 -21.45 -2.28
C THR A 136 7.33 -20.51 -2.58
N ASN A 137 7.34 -20.04 -3.82
CA ASN A 137 8.42 -19.14 -4.23
C ASN A 137 7.85 -18.00 -5.03
N ILE A 138 8.65 -16.93 -5.16
CA ILE A 138 8.16 -15.68 -5.74
C ILE A 138 7.77 -15.86 -7.20
N LEU A 139 8.61 -16.57 -7.93
CA LEU A 139 8.35 -16.64 -9.38
C LEU A 139 7.05 -17.38 -9.67
N ASP A 140 6.83 -18.47 -8.96
CA ASP A 140 5.65 -19.32 -9.16
C ASP A 140 4.43 -18.52 -8.72
N THR A 141 4.57 -17.84 -7.57
CA THR A 141 3.46 -16.96 -7.17
C THR A 141 3.21 -15.90 -8.22
N TRP A 142 4.26 -15.28 -8.78
CA TRP A 142 4.09 -14.28 -9.82
C TRP A 142 3.34 -14.84 -11.03
N ALA A 143 3.71 -16.03 -11.48
CA ALA A 143 3.01 -16.60 -12.64
C ALA A 143 1.53 -16.77 -12.35
N ALA A 144 1.24 -17.17 -11.10
CA ALA A 144 -0.16 -17.21 -10.69
C ALA A 144 -0.81 -15.84 -10.77
N MET A 145 -0.07 -14.79 -10.41
CA MET A 145 -0.69 -13.46 -10.47
C MET A 145 -0.95 -13.07 -11.93
N GLU A 146 -0.03 -13.39 -12.83
CA GLU A 146 -0.21 -13.14 -14.26
C GLU A 146 -1.51 -13.73 -14.80
N GLU A 147 -1.86 -14.94 -14.41
CA GLU A 147 -3.11 -15.50 -14.93
C GLU A 147 -4.33 -14.65 -14.57
N LEU A 148 -4.29 -13.98 -13.42
CA LEU A 148 -5.39 -13.14 -12.97
C LEU A 148 -5.64 -12.04 -13.99
N VAL A 149 -4.52 -11.55 -14.53
CA VAL A 149 -4.57 -10.53 -15.56
C VAL A 149 -5.19 -11.13 -16.83
N ASP A 150 -4.59 -12.26 -17.22
CA ASP A 150 -5.03 -12.93 -18.45
C ASP A 150 -6.48 -13.40 -18.40
N GLU A 151 -7.10 -13.47 -17.23
CA GLU A 151 -8.50 -13.88 -17.11
C GLU A 151 -9.42 -12.69 -16.88
N GLY A 152 -8.86 -11.47 -16.82
CA GLY A 152 -9.66 -10.27 -16.67
C GLY A 152 -10.06 -9.92 -15.26
N LEU A 153 -9.60 -10.69 -14.26
CA LEU A 153 -9.98 -10.38 -12.87
C LEU A 153 -9.30 -9.13 -12.33
N VAL A 154 -8.10 -8.79 -12.79
CA VAL A 154 -7.39 -7.58 -12.35
C VAL A 154 -6.72 -6.91 -13.54
N LYS A 155 -6.58 -5.58 -13.53
CA LYS A 155 -6.05 -4.86 -14.67
C LYS A 155 -4.53 -4.74 -14.67
N ALA A 156 -3.95 -4.91 -13.49
CA ALA A 156 -2.54 -4.78 -13.19
C ALA A 156 -2.20 -5.55 -11.93
N ILE A 157 -0.97 -6.04 -11.88
CA ILE A 157 -0.47 -6.77 -10.73
C ILE A 157 0.85 -6.15 -10.28
N GLY A 158 1.17 -6.29 -9.00
CA GLY A 158 2.43 -5.73 -8.52
C GLY A 158 2.83 -6.50 -7.27
N ILE A 159 3.76 -5.91 -6.54
CA ILE A 159 4.35 -6.49 -5.35
C ILE A 159 4.42 -5.47 -4.22
N SER A 160 4.66 -5.95 -3.02
CA SER A 160 4.73 -5.11 -1.83
C SER A 160 5.75 -5.68 -0.86
N ASN A 161 6.60 -4.83 -0.30
CA ASN A 161 7.61 -5.30 0.62
C ASN A 161 8.65 -6.24 -0.01
N PHE A 162 8.93 -6.06 -1.29
CA PHE A 162 9.98 -6.75 -2.04
C PHE A 162 11.26 -5.91 -2.06
N ASN A 163 12.39 -6.54 -1.80
CA ASN A 163 13.66 -5.82 -1.89
C ASN A 163 14.09 -5.79 -3.36
N HIS A 164 15.15 -5.03 -3.64
CA HIS A 164 15.46 -4.87 -5.08
C HIS A 164 15.87 -6.17 -5.72
N LEU A 165 16.54 -7.09 -5.03
CA LEU A 165 16.86 -8.41 -5.56
C LEU A 165 15.63 -9.25 -5.83
N GLN A 166 14.58 -9.08 -5.02
CA GLN A 166 13.37 -9.88 -5.21
C GLN A 166 12.61 -9.39 -6.44
N VAL A 167 12.56 -8.08 -6.61
CA VAL A 167 11.97 -7.45 -7.77
C VAL A 167 12.72 -7.94 -9.02
N GLU A 168 14.05 -7.95 -8.88
CA GLU A 168 14.91 -8.36 -10.00
C GLU A 168 14.62 -9.80 -10.41
N MET A 169 14.40 -10.67 -9.42
CA MET A 169 14.01 -12.05 -9.70
C MET A 169 12.85 -12.12 -10.68
N ILE A 170 11.81 -11.34 -10.41
CA ILE A 170 10.65 -11.31 -11.28
C ILE A 170 10.98 -10.69 -12.64
N LEU A 171 11.65 -9.56 -12.65
CA LEU A 171 12.04 -8.92 -13.89
C LEU A 171 12.79 -9.85 -14.83
N ASN A 172 13.64 -10.67 -14.22
CA ASN A 172 14.46 -11.57 -15.04
C ASN A 172 13.78 -12.91 -15.26
N LYS A 173 12.51 -13.02 -14.87
CA LYS A 173 11.88 -14.33 -14.95
C LYS A 173 11.84 -14.83 -16.39
N PRO A 174 12.27 -16.05 -16.66
CA PRO A 174 12.13 -16.53 -18.05
C PRO A 174 10.62 -16.63 -18.35
N GLY A 175 10.20 -16.20 -19.54
CA GLY A 175 8.80 -16.34 -19.87
C GLY A 175 7.94 -15.35 -19.11
N LEU A 176 8.52 -14.28 -18.60
CA LEU A 176 7.72 -13.24 -17.95
C LEU A 176 6.61 -12.74 -18.88
N LYS A 177 5.40 -12.63 -18.34
CA LYS A 177 4.24 -12.21 -19.11
C LYS A 177 3.89 -10.76 -18.80
N TYR A 178 3.92 -10.41 -17.52
CA TYR A 178 3.66 -9.04 -17.11
C TYR A 178 4.69 -8.52 -16.12
N LYS A 179 5.29 -7.37 -16.40
CA LYS A 179 6.13 -6.70 -15.43
C LYS A 179 5.29 -6.20 -14.25
N PRO A 180 5.85 -6.21 -13.05
CA PRO A 180 5.12 -5.60 -11.93
C PRO A 180 4.92 -4.12 -12.22
N ALA A 181 3.72 -3.65 -11.94
CA ALA A 181 3.39 -2.25 -12.17
C ALA A 181 3.77 -1.32 -11.03
N VAL A 182 3.75 -1.87 -9.83
CA VAL A 182 3.89 -1.18 -8.57
C VAL A 182 4.64 -2.05 -7.56
N ASN A 183 5.45 -1.41 -6.74
CA ASN A 183 6.01 -1.97 -5.52
C ASN A 183 5.57 -1.08 -4.35
N GLN A 184 4.74 -1.61 -3.46
CA GLN A 184 4.22 -0.87 -2.31
C GLN A 184 5.12 -1.19 -1.11
N ILE A 185 5.72 -0.10 -0.62
CA ILE A 185 6.72 -0.23 0.44
C ILE A 185 6.53 0.86 1.48
N GLU A 186 7.03 0.57 2.66
CA GLU A 186 7.00 1.57 3.72
C GLU A 186 7.88 2.74 3.36
N CYS A 187 7.38 3.96 3.58
CA CYS A 187 8.20 5.10 3.21
C CYS A 187 7.73 6.35 3.94
N HIS A 188 8.66 7.02 4.59
CA HIS A 188 8.40 8.26 5.31
C HIS A 188 9.72 8.93 5.67
N PRO A 189 9.77 10.11 6.28
CA PRO A 189 11.06 10.73 6.61
C PRO A 189 12.04 9.94 7.48
N TYR A 190 11.65 9.03 8.34
CA TYR A 190 12.48 8.10 9.08
C TYR A 190 12.88 6.85 8.30
N LEU A 191 12.36 6.58 7.12
CA LEU A 191 12.69 5.46 6.24
C LEU A 191 12.52 5.91 4.79
N THR A 192 13.53 6.60 4.29
CA THR A 192 13.38 7.36 3.06
C THR A 192 13.54 6.55 1.78
N GLN A 193 14.13 5.36 1.87
CA GLN A 193 14.13 4.39 0.79
C GLN A 193 14.75 4.90 -0.51
N GLU A 194 15.79 5.68 -0.40
CA GLU A 194 16.42 6.26 -1.60
C GLU A 194 16.84 5.22 -2.62
N LYS A 195 17.58 4.21 -2.17
CA LYS A 195 18.08 3.23 -3.14
C LYS A 195 16.94 2.36 -3.69
N LEU A 196 16.00 1.91 -2.85
CA LEU A 196 14.97 1.05 -3.45
C LEU A 196 14.10 1.87 -4.39
N ILE A 197 13.82 3.12 -4.06
CA ILE A 197 13.01 3.97 -4.93
C ILE A 197 13.75 4.20 -6.25
N GLN A 198 15.04 4.53 -6.13
CA GLN A 198 15.86 4.71 -7.32
C GLN A 198 15.75 3.46 -8.20
N TYR A 199 15.92 2.33 -7.52
CA TYR A 199 15.95 1.07 -8.28
C TYR A 199 14.62 0.95 -9.02
N CYS A 200 13.53 1.03 -8.25
CA CYS A 200 12.24 0.73 -8.90
C CYS A 200 11.90 1.72 -10.01
N GLN A 201 12.17 2.99 -9.72
CA GLN A 201 11.80 4.02 -10.70
C GLN A 201 12.63 3.81 -11.96
N SER A 202 13.86 3.36 -11.84
CA SER A 202 14.70 3.18 -13.04
C SER A 202 14.21 1.99 -13.86
N LYS A 203 13.39 1.15 -13.23
CA LYS A 203 12.86 -0.05 -13.84
C LYS A 203 11.43 0.15 -14.32
N GLY A 204 10.95 1.39 -14.26
CA GLY A 204 9.60 1.72 -14.70
C GLY A 204 8.50 1.15 -13.81
N ILE A 205 8.84 0.98 -12.55
CA ILE A 205 7.91 0.47 -11.55
C ILE A 205 7.51 1.61 -10.60
N VAL A 206 6.21 1.84 -10.46
CA VAL A 206 5.74 2.90 -9.60
C VAL A 206 5.81 2.48 -8.13
N VAL A 207 6.27 3.42 -7.32
CA VAL A 207 6.39 3.14 -5.89
C VAL A 207 5.22 3.79 -5.13
N THR A 208 4.63 2.99 -4.25
CA THR A 208 3.58 3.47 -3.35
C THR A 208 4.14 3.46 -1.92
N ALA A 209 4.06 4.58 -1.23
CA ALA A 209 4.54 4.70 0.15
C ALA A 209 3.47 4.37 1.16
N TYR A 210 3.66 3.34 1.98
CA TYR A 210 2.71 3.07 3.05
C TYR A 210 3.24 3.61 4.37
N SER A 211 2.35 3.59 5.35
CA SER A 211 2.61 4.18 6.67
C SER A 211 3.26 5.55 6.57
N PRO A 212 2.73 6.47 5.76
CA PRO A 212 3.38 7.75 5.53
C PRO A 212 3.38 8.69 6.71
N LEU A 213 2.49 8.45 7.66
CA LEU A 213 2.42 9.18 8.90
C LEU A 213 3.10 8.46 10.05
N GLY A 214 3.76 7.33 9.78
CA GLY A 214 4.41 6.56 10.80
C GLY A 214 3.51 5.66 11.63
N SER A 215 2.32 5.38 11.14
CA SER A 215 1.41 4.38 11.67
C SER A 215 1.33 4.42 13.20
N PRO A 216 0.92 5.55 13.75
CA PRO A 216 0.83 5.64 15.22
C PRO A 216 -0.10 4.60 15.85
N ASP A 217 -1.02 4.04 15.07
CA ASP A 217 -1.95 3.02 15.57
C ASP A 217 -1.43 1.60 15.35
N ARG A 218 -0.15 1.46 14.96
CA ARG A 218 0.35 0.09 14.77
C ARG A 218 0.27 -0.70 16.07
N PRO A 219 -0.14 -1.96 16.03
CA PRO A 219 -0.41 -2.67 17.29
C PRO A 219 0.81 -2.95 18.16
N TRP A 220 2.01 -2.73 17.66
CA TRP A 220 3.20 -3.07 18.45
C TRP A 220 3.99 -1.83 18.85
N ALA A 221 3.36 -0.67 18.71
CA ALA A 221 4.00 0.58 19.10
C ALA A 221 4.50 0.57 20.55
N LYS A 222 5.67 1.16 20.77
CA LYS A 222 6.24 1.35 22.08
C LYS A 222 6.37 2.85 22.37
N PRO A 223 6.11 3.25 23.61
CA PRO A 223 6.08 4.66 24.01
C PRO A 223 7.29 5.46 23.53
N GLU A 224 8.44 4.82 23.57
CA GLU A 224 9.71 5.45 23.23
C GLU A 224 10.04 5.44 21.75
N ASP A 225 9.17 4.89 20.92
CA ASP A 225 9.44 4.88 19.48
C ASP A 225 9.42 6.29 18.90
N PRO A 226 10.14 6.51 17.80
CA PRO A 226 10.09 7.81 17.12
C PRO A 226 8.67 8.12 16.65
N SER A 227 8.26 9.39 16.77
CA SER A 227 6.93 9.75 16.30
C SER A 227 6.95 10.90 15.29
N LEU A 228 6.70 10.57 14.02
CA LEU A 228 6.68 11.55 12.96
C LEU A 228 5.66 12.65 13.19
N LEU A 229 4.42 12.26 13.55
CA LEU A 229 3.43 13.34 13.61
C LEU A 229 3.76 14.34 14.71
N GLU A 230 4.56 13.90 15.69
N GLU A 230 4.55 13.90 15.68
CA GLU A 230 4.86 14.71 16.86
CA GLU A 230 4.85 14.72 16.85
C GLU A 230 6.31 15.17 16.85
C GLU A 230 6.15 15.46 16.66
N ASP A 231 6.95 14.98 15.71
CA ASP A 231 8.30 15.51 15.48
C ASP A 231 8.29 17.02 15.36
N PRO A 232 8.91 17.72 16.33
CA PRO A 232 8.85 19.18 16.34
C PRO A 232 9.49 19.78 15.09
N ARG A 233 10.45 19.06 14.51
CA ARG A 233 11.09 19.59 13.30
C ARG A 233 10.14 19.65 12.13
N ILE A 234 9.24 18.67 12.11
CA ILE A 234 8.30 18.61 10.98
C ILE A 234 7.14 19.54 11.22
N LYS A 235 6.70 19.66 12.48
CA LYS A 235 5.68 20.64 12.83
C LYS A 235 6.06 22.03 12.36
N ALA A 236 7.36 22.31 12.45
CA ALA A 236 7.89 23.63 12.14
C ALA A 236 7.76 23.85 10.63
N ILE A 237 8.02 22.76 9.90
CA ILE A 237 7.87 22.87 8.43
C ILE A 237 6.43 23.15 8.13
N ALA A 238 5.54 22.41 8.81
CA ALA A 238 4.10 22.56 8.60
C ALA A 238 3.59 23.95 8.93
N ALA A 239 3.99 24.47 10.08
CA ALA A 239 3.58 25.81 10.50
C ALA A 239 3.97 26.85 9.47
N LYS A 240 5.22 26.81 9.01
CA LYS A 240 5.68 27.67 7.94
C LYS A 240 4.76 27.69 6.73
N HIS A 241 4.17 26.55 6.39
CA HIS A 241 3.27 26.52 5.25
C HIS A 241 1.80 26.62 5.63
N ASN A 242 1.53 26.86 6.91
CA ASN A 242 0.16 26.90 7.39
C ASN A 242 -0.60 25.65 6.98
N LYS A 243 0.07 24.51 7.16
CA LYS A 243 -0.57 23.22 6.96
C LYS A 243 -0.35 22.35 8.17
N THR A 244 -1.01 21.20 8.25
CA THR A 244 -0.70 20.34 9.41
C THR A 244 0.47 19.40 9.16
N THR A 245 1.07 18.84 10.19
CA THR A 245 2.18 17.89 10.04
C THR A 245 1.79 16.78 9.06
N ALA A 246 0.57 16.22 9.20
CA ALA A 246 0.14 15.11 8.33
C ALA A 246 0.14 15.51 6.86
N GLN A 247 -0.29 16.71 6.52
CA GLN A 247 -0.35 17.24 5.19
C GLN A 247 1.05 17.35 4.62
N VAL A 248 1.99 17.78 5.48
CA VAL A 248 3.39 17.82 5.06
C VAL A 248 3.89 16.41 4.76
N LEU A 249 3.55 15.47 5.65
CA LEU A 249 3.93 14.08 5.51
C LEU A 249 3.33 13.38 4.29
N ILE A 250 2.18 13.83 3.84
CA ILE A 250 1.52 13.29 2.63
C ILE A 250 2.08 13.96 1.39
N ARG A 251 2.37 15.26 1.46
CA ARG A 251 2.91 15.99 0.33
C ARG A 251 4.32 15.56 -0.01
N PHE A 252 5.08 15.22 1.03
CA PHE A 252 6.48 14.80 0.84
C PHE A 252 6.67 13.70 -0.18
N PRO A 253 6.01 12.54 -0.08
CA PRO A 253 6.21 11.50 -1.11
C PRO A 253 5.68 11.94 -2.47
N MET A 254 4.61 12.70 -2.46
CA MET A 254 4.01 13.18 -3.73
C MET A 254 5.05 13.90 -4.59
N GLN A 255 5.90 14.69 -3.90
CA GLN A 255 6.98 15.39 -4.61
C GLN A 255 8.18 14.54 -4.92
N ARG A 256 8.19 13.26 -4.59
CA ARG A 256 9.21 12.30 -5.04
C ARG A 256 8.69 11.34 -6.11
N ASN A 257 7.59 11.71 -6.74
N ASN A 257 7.59 11.71 -6.74
CA ASN A 257 6.84 11.00 -7.77
CA ASN A 257 6.95 10.88 -7.76
C ASN A 257 6.34 9.65 -7.25
C ASN A 257 6.54 9.53 -7.19
N LEU A 258 5.99 9.59 -5.98
CA LEU A 258 5.45 8.41 -5.34
C LEU A 258 3.92 8.49 -5.24
N VAL A 259 3.30 7.32 -5.08
CA VAL A 259 1.91 7.25 -4.64
C VAL A 259 1.88 7.20 -3.12
N VAL A 260 0.89 7.79 -2.46
CA VAL A 260 0.91 7.70 -0.97
C VAL A 260 -0.49 7.33 -0.51
N ILE A 261 -0.62 6.55 0.56
CA ILE A 261 -1.92 6.05 0.99
C ILE A 261 -2.18 6.22 2.47
N PRO A 262 -2.35 7.45 2.94
CA PRO A 262 -2.55 7.68 4.37
C PRO A 262 -3.90 7.08 4.80
N LYS A 263 -3.90 6.50 5.99
CA LYS A 263 -5.09 5.88 6.58
C LYS A 263 -5.71 6.81 7.64
N SER A 264 -7.04 6.96 7.51
CA SER A 264 -7.84 7.48 8.61
C SER A 264 -9.26 6.96 8.51
N VAL A 265 -9.93 6.88 9.65
CA VAL A 265 -11.36 6.66 9.71
C VAL A 265 -12.08 7.89 10.28
N THR A 266 -11.35 8.93 10.62
CA THR A 266 -11.89 10.18 11.17
C THR A 266 -12.31 11.12 10.06
N PRO A 267 -13.59 11.35 9.83
CA PRO A 267 -14.04 12.17 8.68
C PRO A 267 -13.26 13.48 8.53
N GLU A 268 -13.06 14.22 9.62
CA GLU A 268 -12.31 15.46 9.53
C GLU A 268 -10.92 15.28 8.96
N ARG A 269 -10.21 14.26 9.45
CA ARG A 269 -8.87 13.96 8.97
C ARG A 269 -8.84 13.45 7.54
N ILE A 270 -9.84 12.66 7.15
CA ILE A 270 -9.89 12.17 5.77
C ILE A 270 -9.89 13.33 4.78
N ALA A 271 -10.72 14.33 5.09
CA ALA A 271 -10.84 15.54 4.31
C ALA A 271 -9.54 16.35 4.31
N GLU A 272 -8.94 16.49 5.49
CA GLU A 272 -7.74 17.33 5.64
C GLU A 272 -6.62 16.68 4.85
N ASN A 273 -6.53 15.36 4.99
CA ASN A 273 -5.44 14.63 4.34
C ASN A 273 -5.44 14.79 2.83
N PHE A 274 -6.59 15.10 2.24
CA PHE A 274 -6.67 15.23 0.79
C PHE A 274 -6.27 16.64 0.31
N LYS A 275 -6.23 17.57 1.25
CA LYS A 275 -6.00 18.98 0.94
C LYS A 275 -4.51 19.25 0.82
N VAL A 276 -3.91 18.59 -0.16
CA VAL A 276 -2.45 18.65 -0.27
C VAL A 276 -2.02 19.01 -1.69
N PHE A 277 -2.98 19.44 -2.51
CA PHE A 277 -2.65 19.88 -3.86
C PHE A 277 -2.67 21.40 -3.93
N ASP A 278 -2.58 22.09 -2.79
CA ASP A 278 -2.64 23.55 -2.82
C ASP A 278 -1.42 24.24 -2.19
N PHE A 279 -0.32 23.51 -2.08
CA PHE A 279 0.94 24.03 -1.56
C PHE A 279 2.11 23.17 -2.01
N GLU A 280 3.31 23.76 -1.97
CA GLU A 280 4.46 22.92 -2.35
C GLU A 280 5.57 22.98 -1.31
N LEU A 281 6.21 21.83 -1.12
CA LEU A 281 7.35 21.81 -0.21
C LEU A 281 8.57 22.35 -0.96
N SER A 282 9.33 23.22 -0.30
CA SER A 282 10.47 23.89 -0.90
C SER A 282 11.59 22.90 -1.15
N SER A 283 12.60 23.27 -1.94
CA SER A 283 13.74 22.38 -2.07
C SER A 283 14.38 22.11 -0.70
N GLN A 284 14.44 23.14 0.14
CA GLN A 284 14.99 23.02 1.48
C GLN A 284 14.17 22.06 2.33
N ASP A 285 12.85 22.17 2.23
CA ASP A 285 11.98 21.28 2.99
C ASP A 285 12.25 19.82 2.66
N MET A 286 12.22 19.50 1.37
CA MET A 286 12.50 18.14 0.90
C MET A 286 13.85 17.61 1.37
N THR A 287 14.90 18.42 1.22
CA THR A 287 16.23 17.97 1.60
C THR A 287 16.29 17.66 3.09
N THR A 288 15.60 18.52 3.84
CA THR A 288 15.49 18.46 5.29
C THR A 288 14.73 17.22 5.72
N LEU A 289 13.54 17.03 5.17
CA LEU A 289 12.80 15.80 5.49
C LEU A 289 13.62 14.58 5.10
N LEU A 290 14.26 14.55 3.94
CA LEU A 290 15.07 13.37 3.62
C LEU A 290 16.21 13.17 4.59
N SER A 291 16.63 14.24 5.29
CA SER A 291 17.79 14.05 6.15
C SER A 291 17.38 13.40 7.47
N TYR A 292 16.09 13.21 7.70
CA TYR A 292 15.68 12.61 8.98
C TYR A 292 15.70 11.10 8.94
N ASN A 293 16.10 10.55 7.78
CA ASN A 293 16.13 9.10 7.64
C ASN A 293 16.94 8.45 8.76
N ARG A 294 16.32 7.43 9.35
CA ARG A 294 16.90 6.62 10.40
C ARG A 294 16.85 5.14 10.06
N ASN A 295 16.34 4.79 8.88
CA ASN A 295 16.12 3.40 8.52
C ASN A 295 15.25 2.68 9.54
N TRP A 296 14.22 3.36 10.04
CA TRP A 296 13.31 2.89 11.07
C TRP A 296 12.01 2.38 10.46
N ARG A 297 11.67 1.12 10.71
CA ARG A 297 10.49 0.52 10.13
C ARG A 297 9.32 0.33 11.09
N VAL A 298 8.14 0.71 10.62
CA VAL A 298 6.90 0.37 11.30
C VAL A 298 6.64 -1.12 11.16
N CYS A 299 6.90 -1.59 9.93
CA CYS A 299 6.56 -2.94 9.58
C CYS A 299 7.81 -3.75 9.22
N ALA A 300 8.41 -4.31 10.26
CA ALA A 300 9.64 -5.07 10.02
C ALA A 300 9.41 -6.57 10.05
N LEU A 301 8.18 -7.02 10.25
CA LEU A 301 7.85 -8.43 10.10
C LEU A 301 8.78 -9.31 10.92
N LEU A 302 8.95 -8.91 12.17
CA LEU A 302 9.98 -9.46 13.04
C LEU A 302 9.78 -10.94 13.37
N SER A 303 8.59 -11.47 13.26
CA SER A 303 8.23 -12.87 13.42
C SER A 303 8.64 -13.78 12.27
N CYS A 304 9.18 -13.19 11.20
CA CYS A 304 9.53 -13.90 9.98
C CYS A 304 10.98 -13.74 9.55
N THR A 305 11.85 -13.29 10.44
CA THR A 305 13.21 -12.97 10.01
C THR A 305 14.00 -14.20 9.64
N SER A 306 13.47 -15.41 9.86
CA SER A 306 14.17 -16.63 9.45
C SER A 306 13.56 -17.21 8.17
N HIS A 307 12.49 -16.61 7.67
CA HIS A 307 11.87 -17.03 6.42
C HIS A 307 12.81 -16.81 5.26
N LYS A 308 12.88 -17.78 4.34
CA LYS A 308 13.87 -17.70 3.28
C LYS A 308 13.69 -16.47 2.40
N ASP A 309 12.47 -15.97 2.39
CA ASP A 309 12.19 -14.79 1.57
C ASP A 309 11.96 -13.53 2.40
N TYR A 310 12.40 -13.53 3.65
CA TYR A 310 12.32 -12.30 4.44
C TYR A 310 13.01 -11.16 3.70
N PRO A 311 12.32 -10.05 3.49
CA PRO A 311 12.84 -9.04 2.59
C PRO A 311 13.86 -8.06 3.15
N PHE A 312 14.04 -7.96 4.47
CA PHE A 312 14.78 -6.80 4.96
C PHE A 312 16.14 -7.17 5.54
N HIS A 313 16.72 -8.28 5.08
CA HIS A 313 18.12 -8.57 5.40
C HIS A 313 19.03 -7.75 4.48
N GLU A 314 18.62 -7.66 3.22
CA GLU A 314 19.33 -6.89 2.22
C GLU A 314 19.32 -5.40 2.53
N GLU A 315 20.38 -4.69 2.12
CA GLU A 315 20.40 -3.26 2.38
C GLU A 315 19.18 -2.59 1.74
N PHE A 316 18.73 -3.04 0.58
CA PHE A 316 17.56 -2.45 -0.07
C PHE A 316 17.04 -3.46 -1.10
PA NAP B . -0.54 5.81 8.57
O1A NAP B . 0.84 6.33 8.53
O2A NAP B . -1.46 6.14 7.45
O5B NAP B . -1.19 6.36 9.97
C5B NAP B . -2.56 6.10 10.24
C4B NAP B . -2.70 6.66 11.69
O4B NAP B . -2.62 8.05 11.61
C3B NAP B . -4.11 6.38 12.27
O3B NAP B . -3.94 6.14 13.65
C2B NAP B . -4.85 7.69 11.95
O2B NAP B . -5.88 7.88 12.93
C1B NAP B . -3.73 8.71 12.07
N9A NAP B . -4.06 9.86 11.28
C8A NAP B . -4.50 9.99 9.97
N7A NAP B . -4.59 11.22 9.55
C5A NAP B . -4.18 11.96 10.64
C6A NAP B . -4.07 13.36 10.74
N6A NAP B . -4.36 14.24 9.79
N1A NAP B . -3.64 13.83 11.98
C2A NAP B . -3.31 12.99 13.05
N3A NAP B . -3.42 11.60 12.92
C4A NAP B . -3.86 11.13 11.69
O3 NAP B . -0.53 4.25 8.91
PN NAP B . -0.84 2.86 8.17
O1N NAP B . -2.26 2.48 8.36
O2N NAP B . 0.20 1.92 8.67
O5D NAP B . -0.41 3.08 6.64
C5D NAP B . -1.29 3.67 5.63
C4D NAP B . -1.91 2.53 4.84
O4D NAP B . -0.87 1.82 4.08
C3D NAP B . -2.62 1.35 5.58
O3D NAP B . -3.87 1.61 6.19
C2D NAP B . -2.60 0.27 4.48
O2D NAP B . -3.67 0.54 3.57
C1D NAP B . -1.24 0.45 3.84
N1N NAP B . -0.10 -0.40 4.41
C2N NAP B . 0.36 -1.44 3.61
C3N NAP B . 1.27 -2.37 4.16
C7N NAP B . 1.82 -3.54 3.32
O7N NAP B . 2.38 -4.46 3.93
N7N NAP B . 1.63 -3.40 2.03
C4N NAP B . 1.69 -2.25 5.53
C5N NAP B . 1.21 -1.17 6.33
C6N NAP B . 0.31 -0.22 5.78
P2B NAP B . -7.47 7.70 12.68
O1X NAP B . -7.94 9.12 12.25
O2X NAP B . -7.66 6.65 11.64
O3X NAP B . -7.98 7.25 14.06
C1 DOY C . 3.08 -7.90 10.60
C2 DOY C . 1.88 -7.77 11.29
C3 DOY C . 0.75 -7.19 10.66
S4 DOY C . -0.70 -7.09 11.63
C5 DOY C . -1.80 -8.10 10.61
C6 DOY C . -2.22 -9.41 11.32
C7 DOY C . -3.54 -9.86 11.23
C8 DOY C . -3.96 -11.04 11.84
C9 DOY C . -3.04 -11.80 12.58
C10 DOY C . -1.71 -11.35 12.69
C11 DOY C . -1.29 -10.16 12.06
C12 DOY C . -1.22 -8.11 9.23
C13 DOY C . -1.40 -6.85 8.71
O14 DOY C . -2.40 -6.47 8.14
N15 DOY C . -0.28 -6.18 8.73
C16 DOY C . -0.15 -5.04 7.83
C17 DOY C . -0.09 -5.36 6.37
O18 DOY C . 0.45 -6.56 6.08
O19 DOY C . -0.50 -4.62 5.47
C20 DOY C . 0.81 -6.73 9.35
C21 DOY C . 2.02 -6.86 8.68
C22 DOY C . 3.15 -7.44 9.28
C1 DOY D . 1.88 -7.85 17.99
C2 DOY D . 1.32 -8.54 16.92
C3 DOY D . 2.10 -8.84 15.79
S4 DOY D . 1.35 -9.71 14.46
C5 DOY D . 2.36 -11.20 14.69
C6 DOY D . 1.56 -12.35 15.33
C7 DOY D . 1.30 -13.50 14.58
C8 DOY D . 0.57 -14.57 15.14
C9 DOY D . 0.11 -14.47 16.45
C10 DOY D . 0.36 -13.32 17.20
C11 DOY D . 1.09 -12.26 16.65
C12 DOY D . 3.76 -10.80 14.99
C13 DOY D . 4.12 -9.88 14.02
O14 DOY D . 4.87 -10.09 13.08
N15 DOY D . 4.24 -8.75 14.69
C16 DOY D . 4.79 -7.58 13.98
C17 DOY D . 6.30 -7.54 13.99
O18 DOY D . 6.89 -8.14 15.03
O19 DOY D . 6.93 -6.96 13.12
C20 DOY D . 3.44 -8.48 15.76
C21 DOY D . 4.00 -7.79 16.84
C22 DOY D . 3.22 -7.47 17.97
#